data_2C1M
#
_entry.id   2C1M
#
_cell.length_a   74.467
_cell.length_b   74.467
_cell.length_c   188.023
_cell.angle_alpha   90.00
_cell.angle_beta   90.00
_cell.angle_gamma   90.00
#
_symmetry.space_group_name_H-M   'P 41 21 2'
#
loop_
_entity.id
_entity.type
_entity.pdbx_description
1 polymer 'IMPORTIN-ALPHA2 SUBUNIT'
2 polymer 'NUCLEOPORIN 50 KDA'
3 water water
#
loop_
_entity_poly.entity_id
_entity_poly.type
_entity_poly.pdbx_seq_one_letter_code
_entity_poly.pdbx_strand_id
1 'polypeptide(L)'
;NWSVEDIVKGINSNNLESQLQATQAARKLLSREKQPPIDNIIRAGLIPKFVSFLGKTDCSPIQFESAWALTNIASGTSEQ
TKAVVDGGAIPAFISLLASPHAHISEQAVWALGNIAGDGSAFRDLVIKHGAIDPLLALLAVPDLSTLACGYLRNLTWTLS
NLCRNKNPAPPLDAVEQILPTLVRLLHHNDPEVLADSCWAISYLTDGPNERIEMVVKKGVVPQLVKLLGATELPIVTPAL
RAIGNIVTGTDEQTQKVIDAGALAVFPSLLTNPKTNIQKEATWTMSNITAGRQDQIQQVVNHGLVPFLVGVLSKADFKTQ
KEAAWAITNYTSGGTVEQIVYLVHCGIIEPLMNLLSAKDTKIIQVILDAISNIFQAAEKLGETEKLSIMIEECGGLDKIE
ALQRHENESVYKASLNLIEKYFSV
;
A
2 'polypeptide(L)' MAKRVAEKELTDRNWDEEDEVEEMGTFSVASEEVMKNRAVKKAKRR B
#
# COMPACT_ATOMS: atom_id res chain seq x y z
N ASN A 1 -30.23 33.83 -7.46
CA ASN A 1 -29.82 34.99 -6.60
C ASN A 1 -30.69 35.04 -5.34
N TRP A 2 -31.21 33.88 -4.94
CA TRP A 2 -32.03 33.77 -3.74
C TRP A 2 -31.11 33.94 -2.53
N SER A 3 -31.67 34.36 -1.41
CA SER A 3 -30.89 34.52 -0.18
C SER A 3 -31.23 33.30 0.67
N VAL A 4 -30.46 33.08 1.72
CA VAL A 4 -30.73 31.96 2.59
C VAL A 4 -32.10 32.14 3.27
N GLU A 5 -32.45 33.38 3.61
CA GLU A 5 -33.76 33.65 4.23
C GLU A 5 -34.89 33.24 3.29
N ASP A 6 -34.69 33.49 1.99
CA ASP A 6 -35.67 33.13 0.98
C ASP A 6 -35.86 31.62 0.97
N ILE A 7 -34.75 30.91 1.07
CA ILE A 7 -34.77 29.46 1.07
C ILE A 7 -35.51 28.97 2.32
N VAL A 8 -35.22 29.58 3.46
CA VAL A 8 -35.85 29.21 4.71
C VAL A 8 -37.36 29.39 4.69
N LYS A 9 -37.83 30.57 4.33
CA LYS A 9 -39.26 30.80 4.32
C LYS A 9 -39.98 29.89 3.34
N GLY A 10 -39.28 29.46 2.28
CA GLY A 10 -39.88 28.56 1.31
C GLY A 10 -39.87 27.13 1.82
N ILE A 11 -38.72 26.69 2.32
CA ILE A 11 -38.54 25.35 2.87
C ILE A 11 -39.48 25.02 4.01
N ASN A 12 -39.62 25.95 4.95
CA ASN A 12 -40.46 25.75 6.12
C ASN A 12 -41.94 25.94 5.90
N SER A 13 -42.33 26.36 4.69
CA SER A 13 -43.74 26.57 4.39
C SER A 13 -44.47 25.27 4.10
N ASN A 14 -45.78 25.35 3.96
CA ASN A 14 -46.59 24.20 3.66
C ASN A 14 -46.87 24.09 2.18
N ASN A 15 -46.30 25.01 1.40
CA ASN A 15 -46.50 24.96 -0.04
C ASN A 15 -45.47 24.02 -0.64
N LEU A 16 -45.93 22.87 -1.12
CA LEU A 16 -45.07 21.86 -1.72
C LEU A 16 -44.15 22.43 -2.79
N GLU A 17 -44.71 23.23 -3.69
CA GLU A 17 -43.91 23.82 -4.76
C GLU A 17 -42.87 24.78 -4.23
N SER A 18 -43.23 25.55 -3.21
CA SER A 18 -42.30 26.49 -2.62
C SER A 18 -41.15 25.72 -1.98
N GLN A 19 -41.47 24.59 -1.35
CA GLN A 19 -40.44 23.76 -0.72
C GLN A 19 -39.42 23.23 -1.74
N LEU A 20 -39.93 22.71 -2.85
CA LEU A 20 -39.04 22.15 -3.88
C LEU A 20 -38.21 23.25 -4.54
N GLN A 21 -38.85 24.36 -4.86
CA GLN A 21 -38.16 25.47 -5.49
C GLN A 21 -37.11 26.02 -4.55
N ALA A 22 -37.45 26.09 -3.27
CA ALA A 22 -36.52 26.59 -2.27
C ALA A 22 -35.35 25.59 -2.13
N THR A 23 -35.66 24.30 -2.15
CA THR A 23 -34.62 23.28 -2.02
C THR A 23 -33.67 23.36 -3.21
N GLN A 24 -34.21 23.53 -4.41
CA GLN A 24 -33.37 23.63 -5.60
C GLN A 24 -32.50 24.89 -5.59
N ALA A 25 -33.05 25.99 -5.09
CA ALA A 25 -32.28 27.23 -5.01
C ALA A 25 -31.13 27.01 -4.03
N ALA A 26 -31.37 26.19 -3.02
CA ALA A 26 -30.37 25.90 -2.00
C ALA A 26 -29.22 25.13 -2.63
N ARG A 27 -29.57 24.08 -3.36
CA ARG A 27 -28.58 23.25 -4.02
C ARG A 27 -27.70 24.08 -4.96
N LYS A 28 -28.32 24.97 -5.72
CA LYS A 28 -27.59 25.83 -6.66
C LYS A 28 -26.59 26.74 -5.95
N LEU A 29 -26.99 27.31 -4.82
CA LEU A 29 -26.09 28.18 -4.08
C LEU A 29 -24.90 27.40 -3.55
N LEU A 30 -25.15 26.17 -3.10
CA LEU A 30 -24.11 25.32 -2.55
C LEU A 30 -23.14 24.80 -3.61
N SER A 31 -23.55 24.87 -4.88
CA SER A 31 -22.73 24.41 -5.98
C SER A 31 -21.74 25.48 -6.44
N ARG A 32 -22.07 26.75 -6.21
CA ARG A 32 -21.19 27.86 -6.61
C ARG A 32 -19.73 27.58 -6.33
N GLU A 33 -18.89 27.74 -7.36
CA GLU A 33 -17.46 27.52 -7.18
C GLU A 33 -16.88 28.63 -6.33
N LYS A 34 -17.15 29.87 -6.72
CA LYS A 34 -16.66 31.03 -5.99
C LYS A 34 -17.55 31.47 -4.83
N GLN A 35 -17.19 31.01 -3.64
CA GLN A 35 -17.91 31.35 -2.41
C GLN A 35 -19.35 30.88 -2.26
N PRO A 36 -19.54 29.62 -1.83
CA PRO A 36 -20.85 29.02 -1.61
C PRO A 36 -21.26 29.21 -0.14
N PRO A 37 -22.52 29.57 0.12
CA PRO A 37 -22.99 29.78 1.50
C PRO A 37 -23.22 28.52 2.34
N ILE A 38 -22.24 27.62 2.36
CA ILE A 38 -22.35 26.38 3.14
C ILE A 38 -22.70 26.66 4.59
N ASP A 39 -21.84 27.44 5.24
CA ASP A 39 -22.02 27.80 6.64
C ASP A 39 -23.34 28.52 6.89
N ASN A 40 -23.73 29.38 5.97
CA ASN A 40 -24.97 30.11 6.13
C ASN A 40 -26.18 29.17 6.15
N ILE A 41 -26.23 28.19 5.24
CA ILE A 41 -27.39 27.31 5.26
C ILE A 41 -27.32 26.37 6.46
N ILE A 42 -26.12 26.02 6.89
CA ILE A 42 -25.98 25.16 8.06
C ILE A 42 -26.54 25.90 9.29
N ARG A 43 -26.09 27.14 9.50
CA ARG A 43 -26.58 27.94 10.64
C ARG A 43 -28.06 28.21 10.55
N ALA A 44 -28.57 28.23 9.32
CA ALA A 44 -29.99 28.47 9.09
C ALA A 44 -30.80 27.25 9.54
N GLY A 45 -30.09 26.19 9.93
CA GLY A 45 -30.73 24.97 10.40
C GLY A 45 -31.43 24.15 9.31
N LEU A 46 -30.93 24.28 8.08
CA LEU A 46 -31.50 23.58 6.93
C LEU A 46 -31.20 22.08 6.79
N ILE A 47 -30.08 21.62 7.35
CA ILE A 47 -29.69 20.21 7.28
C ILE A 47 -30.87 19.29 7.66
N PRO A 48 -31.47 19.50 8.85
CA PRO A 48 -32.58 18.66 9.27
C PRO A 48 -33.74 18.67 8.26
N LYS A 49 -33.97 19.80 7.61
CA LYS A 49 -35.03 19.90 6.61
C LYS A 49 -34.65 19.04 5.41
N PHE A 50 -33.40 19.14 4.98
CA PHE A 50 -32.95 18.34 3.84
C PHE A 50 -33.05 16.84 4.14
N VAL A 51 -32.59 16.45 5.32
CA VAL A 51 -32.61 15.05 5.71
C VAL A 51 -34.05 14.50 5.71
N SER A 52 -34.98 15.32 6.19
CA SER A 52 -36.37 14.93 6.23
C SER A 52 -36.92 14.77 4.82
N PHE A 53 -36.55 15.68 3.91
CA PHE A 53 -37.03 15.58 2.53
C PHE A 53 -36.53 14.31 1.86
N LEU A 54 -35.43 13.76 2.35
CA LEU A 54 -34.89 12.53 1.78
C LEU A 54 -35.90 11.41 1.93
N GLY A 55 -36.73 11.51 2.95
CA GLY A 55 -37.75 10.52 3.20
C GLY A 55 -39.07 10.74 2.47
N LYS A 56 -39.17 11.81 1.70
CA LYS A 56 -40.41 12.10 0.95
C LYS A 56 -40.48 11.23 -0.31
N THR A 57 -40.78 9.94 -0.10
CA THR A 57 -40.87 8.96 -1.20
C THR A 57 -41.85 9.42 -2.26
N ASP A 58 -42.82 10.23 -1.85
CA ASP A 58 -43.84 10.76 -2.75
C ASP A 58 -43.31 11.83 -3.70
N CYS A 59 -42.31 12.59 -3.26
CA CYS A 59 -41.73 13.63 -4.10
C CYS A 59 -40.25 13.43 -4.43
N SER A 60 -40.04 12.63 -5.49
CA SER A 60 -38.72 12.30 -5.99
C SER A 60 -37.85 13.50 -6.35
N PRO A 61 -38.44 14.55 -6.92
CA PRO A 61 -37.60 15.70 -7.27
C PRO A 61 -37.00 16.41 -6.05
N ILE A 62 -37.77 16.52 -4.96
CA ILE A 62 -37.25 17.20 -3.77
C ILE A 62 -36.23 16.30 -3.08
N GLN A 63 -36.40 14.99 -3.22
CA GLN A 63 -35.47 14.03 -2.64
C GLN A 63 -34.10 14.20 -3.29
N PHE A 64 -34.10 14.27 -4.62
CA PHE A 64 -32.86 14.44 -5.37
C PHE A 64 -32.22 15.78 -5.07
N GLU A 65 -33.04 16.83 -5.04
CA GLU A 65 -32.56 18.17 -4.76
C GLU A 65 -31.88 18.26 -3.39
N SER A 66 -32.53 17.72 -2.36
CA SER A 66 -31.95 17.78 -1.03
C SER A 66 -30.74 16.83 -0.85
N ALA A 67 -30.74 15.69 -1.55
CA ALA A 67 -29.61 14.77 -1.44
C ALA A 67 -28.38 15.48 -2.00
N TRP A 68 -28.55 16.14 -3.14
CA TRP A 68 -27.47 16.88 -3.78
C TRP A 68 -27.02 18.02 -2.86
N ALA A 69 -27.96 18.79 -2.32
CA ALA A 69 -27.62 19.88 -1.42
C ALA A 69 -26.85 19.36 -0.20
N LEU A 70 -27.26 18.21 0.31
CA LEU A 70 -26.59 17.62 1.48
C LEU A 70 -25.21 17.09 1.10
N THR A 71 -25.07 16.65 -0.15
CA THR A 71 -23.80 16.14 -0.64
C THR A 71 -22.79 17.27 -0.78
N ASN A 72 -23.21 18.37 -1.37
CA ASN A 72 -22.35 19.53 -1.55
C ASN A 72 -21.82 20.01 -0.20
N ILE A 73 -22.56 19.77 0.87
CA ILE A 73 -22.13 20.18 2.19
C ILE A 73 -21.19 19.12 2.77
N ALA A 74 -21.49 17.86 2.47
CA ALA A 74 -20.67 16.76 2.95
C ALA A 74 -19.29 16.78 2.29
N SER A 75 -19.28 17.19 1.03
CA SER A 75 -18.05 17.26 0.24
C SER A 75 -17.12 18.38 0.67
N GLY A 76 -17.58 19.19 1.62
CA GLY A 76 -16.78 20.30 2.08
C GLY A 76 -15.77 19.93 3.16
N THR A 77 -15.53 20.87 4.07
CA THR A 77 -14.57 20.68 5.15
C THR A 77 -14.98 19.57 6.09
N SER A 78 -14.03 19.16 6.94
CA SER A 78 -14.27 18.11 7.93
C SER A 78 -14.90 18.76 9.15
N GLU A 79 -15.92 19.56 8.90
CA GLU A 79 -16.64 20.26 9.95
C GLU A 79 -18.06 20.31 9.42
N GLN A 80 -18.16 20.75 8.16
CA GLN A 80 -19.44 20.86 7.47
C GLN A 80 -19.96 19.44 7.28
N THR A 81 -19.03 18.49 7.13
CA THR A 81 -19.40 17.08 6.95
C THR A 81 -20.03 16.55 8.23
N LYS A 82 -19.44 16.93 9.36
CA LYS A 82 -19.93 16.50 10.66
C LYS A 82 -21.35 17.02 10.92
N ALA A 83 -21.65 18.23 10.44
CA ALA A 83 -22.98 18.80 10.60
C ALA A 83 -23.98 17.88 9.90
N VAL A 84 -23.63 17.43 8.71
CA VAL A 84 -24.49 16.53 7.93
C VAL A 84 -24.73 15.22 8.68
N VAL A 85 -23.68 14.67 9.28
CA VAL A 85 -23.80 13.42 10.02
C VAL A 85 -24.70 13.58 11.23
N ASP A 86 -24.50 14.66 11.98
CA ASP A 86 -25.31 14.93 13.16
C ASP A 86 -26.77 15.16 12.79
N GLY A 87 -27.00 15.64 11.57
CA GLY A 87 -28.35 15.88 11.10
C GLY A 87 -29.07 14.60 10.77
N GLY A 88 -28.41 13.45 10.98
CA GLY A 88 -29.02 12.16 10.70
C GLY A 88 -28.97 11.69 9.26
N ALA A 89 -28.19 12.38 8.44
CA ALA A 89 -28.09 12.04 7.03
C ALA A 89 -27.66 10.60 6.69
N ILE A 90 -26.80 10.00 7.49
CA ILE A 90 -26.35 8.65 7.19
C ILE A 90 -27.47 7.63 6.95
N PRO A 91 -28.32 7.37 7.97
CA PRO A 91 -29.37 6.39 7.70
C PRO A 91 -30.33 6.80 6.58
N ALA A 92 -30.58 8.11 6.45
CA ALA A 92 -31.48 8.60 5.40
C ALA A 92 -30.91 8.29 4.02
N PHE A 93 -29.61 8.50 3.84
CA PHE A 93 -28.97 8.23 2.57
C PHE A 93 -28.99 6.73 2.27
N ILE A 94 -28.81 5.92 3.30
CA ILE A 94 -28.81 4.48 3.12
C ILE A 94 -30.16 3.98 2.57
N SER A 95 -31.26 4.56 3.04
CA SER A 95 -32.56 4.12 2.55
C SER A 95 -32.82 4.56 1.12
N LEU A 96 -32.03 5.51 0.62
CA LEU A 96 -32.19 5.98 -0.74
C LEU A 96 -31.40 5.19 -1.76
N LEU A 97 -30.53 4.29 -1.29
CA LEU A 97 -29.73 3.48 -2.20
C LEU A 97 -30.62 2.64 -3.12
N ALA A 98 -31.74 2.13 -2.59
CA ALA A 98 -32.65 1.32 -3.38
C ALA A 98 -33.61 2.14 -4.25
N SER A 99 -33.44 3.46 -4.27
CA SER A 99 -34.29 4.32 -5.08
C SER A 99 -34.33 3.92 -6.55
N PRO A 100 -35.54 3.87 -7.13
CA PRO A 100 -35.68 3.50 -8.54
C PRO A 100 -34.93 4.48 -9.43
N HIS A 101 -34.86 5.74 -9.01
CA HIS A 101 -34.19 6.75 -9.79
C HIS A 101 -32.68 6.69 -9.58
N ALA A 102 -32.00 6.27 -10.63
CA ALA A 102 -30.55 6.13 -10.62
C ALA A 102 -29.79 7.36 -10.15
N HIS A 103 -30.16 8.54 -10.65
CA HIS A 103 -29.44 9.75 -10.26
C HIS A 103 -29.58 10.05 -8.77
N ILE A 104 -30.65 9.54 -8.15
CA ILE A 104 -30.87 9.74 -6.71
C ILE A 104 -30.04 8.72 -5.94
N SER A 105 -30.07 7.48 -6.41
CA SER A 105 -29.29 6.42 -5.79
C SER A 105 -27.81 6.80 -5.79
N GLU A 106 -27.32 7.27 -6.94
CA GLU A 106 -25.91 7.69 -7.08
C GLU A 106 -25.54 8.77 -6.10
N GLN A 107 -26.45 9.73 -5.92
CA GLN A 107 -26.22 10.83 -5.01
C GLN A 107 -26.00 10.24 -3.60
N ALA A 108 -26.80 9.23 -3.24
CA ALA A 108 -26.68 8.60 -1.93
C ALA A 108 -25.33 7.88 -1.83
N VAL A 109 -24.94 7.16 -2.90
CA VAL A 109 -23.65 6.47 -2.94
C VAL A 109 -22.49 7.44 -2.76
N TRP A 110 -22.55 8.58 -3.44
CA TRP A 110 -21.50 9.58 -3.37
C TRP A 110 -21.41 10.15 -1.94
N ALA A 111 -22.56 10.55 -1.40
CA ALA A 111 -22.62 11.10 -0.06
C ALA A 111 -22.05 10.16 0.99
N LEU A 112 -22.43 8.88 0.90
CA LEU A 112 -21.93 7.88 1.85
C LEU A 112 -20.42 7.73 1.73
N GLY A 113 -19.90 7.80 0.51
CA GLY A 113 -18.47 7.69 0.30
C GLY A 113 -17.71 8.86 0.87
N ASN A 114 -18.20 10.08 0.65
CA ASN A 114 -17.56 11.27 1.17
C ASN A 114 -17.50 11.24 2.70
N ILE A 115 -18.61 10.83 3.30
CA ILE A 115 -18.73 10.73 4.74
C ILE A 115 -17.77 9.69 5.31
N ALA A 116 -17.81 8.47 4.78
CA ALA A 116 -16.92 7.41 5.28
C ALA A 116 -15.45 7.78 5.02
N GLY A 117 -15.22 8.62 4.01
CA GLY A 117 -13.87 9.03 3.68
C GLY A 117 -13.29 10.07 4.63
N ASP A 118 -14.13 10.64 5.49
CA ASP A 118 -13.68 11.63 6.45
C ASP A 118 -12.66 11.02 7.40
N GLY A 119 -12.95 9.82 7.86
CA GLY A 119 -12.03 9.15 8.78
C GLY A 119 -12.66 7.89 9.30
N SER A 120 -11.90 7.19 10.12
CA SER A 120 -12.31 5.93 10.70
C SER A 120 -13.62 5.96 11.49
N ALA A 121 -13.90 7.07 12.18
CA ALA A 121 -15.11 7.20 12.99
C ALA A 121 -16.38 7.22 12.14
N PHE A 122 -16.39 8.08 11.13
CA PHE A 122 -17.56 8.20 10.27
C PHE A 122 -17.72 6.93 9.44
N ARG A 123 -16.60 6.36 9.02
CA ARG A 123 -16.59 5.13 8.23
C ARG A 123 -17.31 4.02 8.99
N ASP A 124 -17.05 3.90 10.30
CA ASP A 124 -17.67 2.86 11.13
C ASP A 124 -19.16 3.15 11.36
N LEU A 125 -19.53 4.43 11.32
CA LEU A 125 -20.92 4.83 11.50
C LEU A 125 -21.70 4.39 10.27
N VAL A 126 -21.15 4.66 9.08
CA VAL A 126 -21.79 4.26 7.84
C VAL A 126 -21.99 2.74 7.82
N ILE A 127 -21.01 2.02 8.35
CA ILE A 127 -21.07 0.56 8.40
C ILE A 127 -22.12 0.10 9.42
N LYS A 128 -22.05 0.68 10.61
CA LYS A 128 -22.99 0.34 11.69
C LYS A 128 -24.44 0.54 11.26
N HIS A 129 -24.72 1.59 10.49
CA HIS A 129 -26.08 1.85 10.04
C HIS A 129 -26.54 0.94 8.91
N GLY A 130 -25.70 -0.01 8.53
CA GLY A 130 -26.07 -0.97 7.50
C GLY A 130 -25.90 -0.60 6.04
N ALA A 131 -24.97 0.29 5.74
CA ALA A 131 -24.76 0.71 4.35
C ALA A 131 -24.27 -0.40 3.41
N ILE A 132 -23.43 -1.30 3.91
CA ILE A 132 -22.86 -2.37 3.09
C ILE A 132 -23.82 -3.23 2.26
N ASP A 133 -24.83 -3.83 2.88
CA ASP A 133 -25.77 -4.66 2.12
C ASP A 133 -26.42 -3.92 0.95
N PRO A 134 -27.01 -2.73 1.21
CA PRO A 134 -27.66 -1.97 0.14
C PRO A 134 -26.64 -1.61 -0.96
N LEU A 135 -25.44 -1.24 -0.53
CA LEU A 135 -24.39 -0.88 -1.49
C LEU A 135 -24.03 -2.07 -2.37
N LEU A 136 -23.84 -3.24 -1.76
CA LEU A 136 -23.51 -4.44 -2.52
C LEU A 136 -24.65 -4.84 -3.46
N ALA A 137 -25.90 -4.58 -3.04
CA ALA A 137 -27.05 -4.89 -3.87
C ALA A 137 -26.92 -4.19 -5.22
N LEU A 138 -26.55 -2.92 -5.20
CA LEU A 138 -26.39 -2.15 -6.43
C LEU A 138 -25.38 -2.75 -7.40
N LEU A 139 -24.52 -3.64 -6.91
CA LEU A 139 -23.51 -4.25 -7.77
C LEU A 139 -23.86 -5.70 -8.10
N ALA A 140 -24.96 -6.19 -7.54
CA ALA A 140 -25.41 -7.57 -7.74
C ALA A 140 -26.01 -7.84 -9.11
N VAL A 141 -25.62 -7.08 -10.13
CA VAL A 141 -26.13 -7.30 -11.47
C VAL A 141 -25.29 -8.35 -12.20
N PRO A 142 -25.92 -9.09 -13.12
CA PRO A 142 -25.23 -10.13 -13.91
C PRO A 142 -24.00 -9.63 -14.65
N ASP A 143 -24.15 -8.50 -15.34
CA ASP A 143 -23.06 -7.93 -16.13
C ASP A 143 -22.67 -6.54 -15.63
N LEU A 144 -21.61 -6.49 -14.82
CA LEU A 144 -21.13 -5.22 -14.26
C LEU A 144 -20.85 -4.21 -15.36
N SER A 145 -20.58 -4.71 -16.56
CA SER A 145 -20.30 -3.86 -17.71
C SER A 145 -21.54 -3.09 -18.15
N THR A 146 -22.71 -3.55 -17.72
CA THR A 146 -23.97 -2.88 -18.09
C THR A 146 -24.15 -1.60 -17.29
N LEU A 147 -23.45 -1.50 -16.17
CA LEU A 147 -23.54 -0.31 -15.32
C LEU A 147 -22.76 0.84 -15.94
N ALA A 148 -23.29 2.04 -15.83
CA ALA A 148 -22.62 3.22 -16.36
C ALA A 148 -21.29 3.35 -15.62
N CYS A 149 -20.22 3.61 -16.37
CA CYS A 149 -18.88 3.76 -15.79
C CYS A 149 -18.89 4.69 -14.59
N GLY A 150 -19.42 5.90 -14.77
CA GLY A 150 -19.48 6.87 -13.69
C GLY A 150 -20.16 6.32 -12.45
N TYR A 151 -21.25 5.60 -12.65
CA TYR A 151 -22.00 4.99 -11.56
C TYR A 151 -21.11 3.98 -10.82
N LEU A 152 -20.53 3.07 -11.57
CA LEU A 152 -19.67 2.03 -11.02
C LEU A 152 -18.49 2.61 -10.24
N ARG A 153 -17.84 3.61 -10.82
CA ARG A 153 -16.70 4.24 -10.17
C ARG A 153 -17.03 4.79 -8.80
N ASN A 154 -18.17 5.48 -8.68
CA ASN A 154 -18.55 6.03 -7.39
C ASN A 154 -18.78 4.93 -6.37
N LEU A 155 -19.36 3.82 -6.82
CA LEU A 155 -19.62 2.69 -5.93
C LEU A 155 -18.30 2.08 -5.44
N THR A 156 -17.42 1.78 -6.38
CA THR A 156 -16.12 1.21 -6.06
C THR A 156 -15.35 2.14 -5.12
N TRP A 157 -15.35 3.42 -5.45
CA TRP A 157 -14.67 4.41 -4.62
C TRP A 157 -15.25 4.42 -3.21
N THR A 158 -16.57 4.30 -3.11
CA THR A 158 -17.24 4.30 -1.82
C THR A 158 -16.82 3.06 -1.03
N LEU A 159 -16.86 1.89 -1.66
CA LEU A 159 -16.44 0.66 -0.98
C LEU A 159 -14.99 0.78 -0.52
N SER A 160 -14.15 1.32 -1.39
CA SER A 160 -12.74 1.51 -1.07
C SER A 160 -12.64 2.37 0.20
N ASN A 161 -13.50 3.38 0.32
CA ASN A 161 -13.46 4.22 1.52
C ASN A 161 -13.88 3.45 2.77
N LEU A 162 -14.62 2.36 2.60
CA LEU A 162 -15.04 1.58 3.75
C LEU A 162 -13.93 0.62 4.13
N CYS A 163 -12.91 0.55 3.29
CA CYS A 163 -11.77 -0.35 3.54
C CYS A 163 -10.57 0.43 4.02
N ARG A 164 -10.60 1.74 3.79
CA ARG A 164 -9.51 2.65 4.14
C ARG A 164 -9.43 2.91 5.64
N ASN A 165 -8.30 3.48 6.06
CA ASN A 165 -8.00 3.83 7.45
C ASN A 165 -7.73 2.64 8.35
N LYS A 166 -6.94 2.88 9.40
CA LYS A 166 -6.55 1.81 10.31
C LYS A 166 -6.62 2.13 11.80
N ASN A 167 -7.15 3.30 12.17
CA ASN A 167 -7.21 3.63 13.58
C ASN A 167 -8.62 3.85 14.10
N PRO A 168 -9.41 2.76 14.20
CA PRO A 168 -9.02 1.39 13.87
C PRO A 168 -9.36 1.02 12.43
N ALA A 169 -8.91 -0.17 12.01
CA ALA A 169 -9.20 -0.64 10.67
C ALA A 169 -10.66 -1.10 10.66
N PRO A 170 -11.25 -1.27 9.47
CA PRO A 170 -12.65 -1.70 9.35
C PRO A 170 -12.90 -3.00 10.11
N PRO A 171 -14.11 -3.19 10.64
CA PRO A 171 -14.41 -4.43 11.38
C PRO A 171 -14.22 -5.61 10.43
N LEU A 172 -13.69 -6.72 10.94
CA LEU A 172 -13.45 -7.91 10.13
C LEU A 172 -14.68 -8.41 9.36
N ASP A 173 -15.81 -8.53 10.05
CA ASP A 173 -17.02 -9.02 9.38
C ASP A 173 -17.45 -8.12 8.21
N ALA A 174 -17.26 -6.81 8.34
CA ALA A 174 -17.62 -5.88 7.27
C ALA A 174 -16.71 -6.09 6.06
N VAL A 175 -15.44 -6.33 6.34
CA VAL A 175 -14.46 -6.56 5.29
C VAL A 175 -14.84 -7.86 4.58
N GLU A 176 -15.28 -8.84 5.36
CA GLU A 176 -15.66 -10.13 4.81
C GLU A 176 -16.83 -10.03 3.85
N GLN A 177 -17.78 -9.16 4.14
CA GLN A 177 -18.95 -8.99 3.27
C GLN A 177 -18.54 -8.25 1.99
N ILE A 178 -17.55 -7.38 2.10
CA ILE A 178 -17.10 -6.62 0.95
C ILE A 178 -16.14 -7.34 0.01
N LEU A 179 -15.33 -8.24 0.53
CA LEU A 179 -14.35 -8.93 -0.30
C LEU A 179 -14.87 -9.60 -1.58
N PRO A 180 -15.92 -10.44 -1.47
CA PRO A 180 -16.41 -11.08 -2.70
C PRO A 180 -16.71 -10.12 -3.85
N THR A 181 -17.34 -8.99 -3.56
CA THR A 181 -17.65 -7.99 -4.60
C THR A 181 -16.36 -7.34 -5.10
N LEU A 182 -15.39 -7.17 -4.22
CA LEU A 182 -14.12 -6.56 -4.62
C LEU A 182 -13.42 -7.46 -5.64
N VAL A 183 -13.47 -8.76 -5.42
CA VAL A 183 -12.86 -9.69 -6.35
C VAL A 183 -13.50 -9.54 -7.73
N ARG A 184 -14.83 -9.50 -7.77
CA ARG A 184 -15.53 -9.35 -9.05
C ARG A 184 -15.09 -8.07 -9.76
N LEU A 185 -14.90 -7.00 -8.99
CA LEU A 185 -14.49 -5.71 -9.55
C LEU A 185 -13.11 -5.75 -10.18
N LEU A 186 -12.24 -6.60 -9.64
CA LEU A 186 -10.88 -6.74 -10.15
C LEU A 186 -10.92 -7.36 -11.54
N HIS A 187 -12.10 -7.84 -11.94
CA HIS A 187 -12.31 -8.45 -13.25
C HIS A 187 -12.84 -7.44 -14.26
N HIS A 188 -13.21 -6.25 -13.79
CA HIS A 188 -13.76 -5.24 -14.68
C HIS A 188 -12.67 -4.70 -15.59
N ASN A 189 -13.07 -4.02 -16.66
CA ASN A 189 -12.11 -3.49 -17.60
C ASN A 189 -11.89 -1.99 -17.49
N ASP A 190 -12.53 -1.35 -16.51
CA ASP A 190 -12.36 0.09 -16.34
C ASP A 190 -11.18 0.35 -15.40
N PRO A 191 -10.11 0.95 -15.93
CA PRO A 191 -8.90 1.26 -15.15
C PRO A 191 -9.14 1.99 -13.83
N GLU A 192 -10.15 2.86 -13.80
CA GLU A 192 -10.48 3.61 -12.59
C GLU A 192 -11.01 2.66 -11.51
N VAL A 193 -11.89 1.76 -11.91
CA VAL A 193 -12.48 0.79 -11.01
C VAL A 193 -11.41 -0.15 -10.49
N LEU A 194 -10.54 -0.59 -11.40
CA LEU A 194 -9.47 -1.51 -11.04
C LEU A 194 -8.51 -0.88 -10.05
N ALA A 195 -8.09 0.35 -10.33
CA ALA A 195 -7.18 1.07 -9.46
C ALA A 195 -7.78 1.21 -8.07
N ASP A 196 -9.03 1.67 -8.02
CA ASP A 196 -9.71 1.83 -6.74
C ASP A 196 -9.87 0.52 -5.99
N SER A 197 -10.16 -0.57 -6.70
CA SER A 197 -10.32 -1.86 -6.04
C SER A 197 -8.97 -2.32 -5.50
N CYS A 198 -7.93 -2.13 -6.30
CA CYS A 198 -6.60 -2.54 -5.88
C CYS A 198 -6.20 -1.73 -4.65
N TRP A 199 -6.51 -0.43 -4.64
CA TRP A 199 -6.19 0.41 -3.50
C TRP A 199 -6.90 -0.13 -2.27
N ALA A 200 -8.17 -0.49 -2.46
CA ALA A 200 -8.98 -1.04 -1.37
C ALA A 200 -8.31 -2.28 -0.79
N ILE A 201 -7.84 -3.16 -1.66
CA ILE A 201 -7.17 -4.38 -1.21
C ILE A 201 -5.86 -4.05 -0.52
N SER A 202 -5.15 -3.04 -1.01
CA SER A 202 -3.89 -2.66 -0.42
C SER A 202 -4.09 -2.18 1.01
N TYR A 203 -5.22 -1.52 1.28
CA TYR A 203 -5.51 -1.07 2.65
C TYR A 203 -5.89 -2.25 3.56
N LEU A 204 -6.65 -3.19 3.02
CA LEU A 204 -7.10 -4.35 3.81
C LEU A 204 -5.95 -5.31 4.19
N THR A 205 -4.93 -5.36 3.34
CA THR A 205 -3.80 -6.23 3.59
C THR A 205 -2.70 -5.53 4.39
N ASP A 206 -2.84 -4.22 4.56
CA ASP A 206 -1.87 -3.44 5.32
C ASP A 206 -2.17 -3.59 6.82
N GLY A 207 -1.78 -4.72 7.39
CA GLY A 207 -2.02 -4.95 8.80
C GLY A 207 -1.71 -6.37 9.22
N PRO A 208 -2.31 -6.83 10.34
CA PRO A 208 -2.13 -8.18 10.90
C PRO A 208 -2.29 -9.30 9.89
N ASN A 209 -1.52 -10.37 10.08
CA ASN A 209 -1.61 -11.52 9.19
C ASN A 209 -3.02 -12.11 9.16
N GLU A 210 -3.81 -11.82 10.20
CA GLU A 210 -5.18 -12.33 10.24
C GLU A 210 -6.03 -11.64 9.17
N ARG A 211 -5.80 -10.35 8.96
CA ARG A 211 -6.54 -9.60 7.94
C ARG A 211 -6.11 -10.05 6.55
N ILE A 212 -4.82 -10.37 6.41
CA ILE A 212 -4.26 -10.84 5.14
C ILE A 212 -4.92 -12.17 4.78
N GLU A 213 -5.01 -13.05 5.77
CA GLU A 213 -5.61 -14.38 5.60
C GLU A 213 -7.00 -14.32 4.98
N MET A 214 -7.81 -13.36 5.43
CA MET A 214 -9.16 -13.23 4.92
C MET A 214 -9.15 -12.83 3.46
N VAL A 215 -8.37 -11.80 3.14
CA VAL A 215 -8.25 -11.33 1.77
C VAL A 215 -7.81 -12.48 0.85
N VAL A 216 -6.88 -13.30 1.33
CA VAL A 216 -6.39 -14.42 0.54
C VAL A 216 -7.45 -15.50 0.39
N LYS A 217 -8.12 -15.81 1.50
CA LYS A 217 -9.17 -16.83 1.53
C LYS A 217 -10.31 -16.48 0.56
N LYS A 218 -10.55 -15.18 0.38
CA LYS A 218 -11.59 -14.71 -0.52
C LYS A 218 -11.19 -14.74 -1.98
N GLY A 219 -9.99 -15.26 -2.26
CA GLY A 219 -9.53 -15.41 -3.63
C GLY A 219 -9.17 -14.19 -4.44
N VAL A 220 -8.57 -13.18 -3.81
CA VAL A 220 -8.19 -11.99 -4.55
C VAL A 220 -6.86 -12.13 -5.27
N VAL A 221 -6.00 -13.03 -4.82
CA VAL A 221 -4.66 -13.17 -5.39
C VAL A 221 -4.54 -13.37 -6.91
N PRO A 222 -5.20 -14.41 -7.46
CA PRO A 222 -5.12 -14.63 -8.90
C PRO A 222 -5.37 -13.37 -9.73
N GLN A 223 -6.34 -12.57 -9.29
CA GLN A 223 -6.67 -11.36 -10.00
C GLN A 223 -5.63 -10.26 -9.79
N LEU A 224 -5.14 -10.13 -8.56
CA LEU A 224 -4.12 -9.11 -8.26
C LEU A 224 -2.89 -9.41 -9.08
N VAL A 225 -2.57 -10.69 -9.20
CA VAL A 225 -1.38 -11.09 -9.94
C VAL A 225 -1.48 -10.67 -11.38
N LYS A 226 -2.68 -10.79 -11.94
CA LYS A 226 -2.92 -10.41 -13.34
C LYS A 226 -2.78 -8.90 -13.48
N LEU A 227 -3.22 -8.16 -12.46
CA LEU A 227 -3.13 -6.72 -12.51
C LEU A 227 -1.69 -6.25 -12.28
N LEU A 228 -0.86 -7.13 -11.72
CA LEU A 228 0.54 -6.83 -11.47
C LEU A 228 1.22 -6.54 -12.82
N GLY A 229 0.74 -7.20 -13.86
CA GLY A 229 1.28 -7.02 -15.18
C GLY A 229 0.55 -5.94 -15.97
N ALA A 230 -0.34 -5.19 -15.31
CA ALA A 230 -1.06 -4.12 -16.01
C ALA A 230 -0.06 -3.14 -16.61
N THR A 231 -0.49 -2.37 -17.60
CA THR A 231 0.38 -1.39 -18.25
C THR A 231 0.20 -0.03 -17.59
N GLU A 232 -0.96 0.16 -16.97
CA GLU A 232 -1.29 1.41 -16.31
C GLU A 232 -0.58 1.55 -14.97
N LEU A 233 0.19 2.63 -14.83
CA LEU A 233 0.91 2.87 -13.58
C LEU A 233 -0.07 3.01 -12.43
N PRO A 234 -1.19 3.73 -12.63
CA PRO A 234 -2.18 3.90 -11.55
C PRO A 234 -2.75 2.58 -11.05
N ILE A 235 -2.65 1.52 -11.85
CA ILE A 235 -3.13 0.19 -11.46
C ILE A 235 -2.01 -0.66 -10.88
N VAL A 236 -0.89 -0.74 -11.59
CA VAL A 236 0.26 -1.53 -11.16
C VAL A 236 0.69 -1.17 -9.74
N THR A 237 0.81 0.13 -9.48
CA THR A 237 1.24 0.63 -8.18
C THR A 237 0.48 0.02 -7.00
N PRO A 238 -0.86 0.16 -6.98
CA PRO A 238 -1.62 -0.42 -5.85
C PRO A 238 -1.67 -1.93 -5.88
N ALA A 239 -1.65 -2.51 -7.08
CA ALA A 239 -1.67 -3.97 -7.20
C ALA A 239 -0.38 -4.54 -6.60
N LEU A 240 0.75 -3.89 -6.87
CA LEU A 240 2.06 -4.31 -6.37
C LEU A 240 2.11 -4.15 -4.84
N ARG A 241 1.59 -3.05 -4.34
CA ARG A 241 1.59 -2.80 -2.92
C ARG A 241 0.72 -3.84 -2.22
N ALA A 242 -0.41 -4.19 -2.84
CA ALA A 242 -1.28 -5.20 -2.25
C ALA A 242 -0.56 -6.54 -2.19
N ILE A 243 0.10 -6.92 -3.28
CA ILE A 243 0.86 -8.18 -3.29
C ILE A 243 2.02 -8.07 -2.31
N GLY A 244 2.62 -6.90 -2.25
CA GLY A 244 3.71 -6.67 -1.31
C GLY A 244 3.22 -6.89 0.12
N ASN A 245 2.06 -6.35 0.46
CA ASN A 245 1.52 -6.52 1.81
C ASN A 245 1.20 -7.97 2.14
N ILE A 246 0.68 -8.70 1.18
CA ILE A 246 0.34 -10.09 1.40
C ILE A 246 1.57 -10.94 1.73
N VAL A 247 2.69 -10.74 1.01
CA VAL A 247 3.87 -11.55 1.30
C VAL A 247 4.65 -11.15 2.57
N THR A 248 4.14 -10.17 3.33
CA THR A 248 4.75 -9.80 4.60
C THR A 248 4.13 -10.80 5.59
N GLY A 249 3.11 -11.51 5.10
CA GLY A 249 2.42 -12.49 5.91
C GLY A 249 3.16 -13.81 6.07
N THR A 250 2.41 -14.86 6.41
CA THR A 250 2.99 -16.19 6.63
C THR A 250 3.50 -16.81 5.34
N ASP A 251 4.30 -17.87 5.48
CA ASP A 251 4.84 -18.59 4.33
C ASP A 251 3.69 -19.16 3.49
N GLU A 252 2.66 -19.68 4.15
CA GLU A 252 1.49 -20.23 3.46
C GLU A 252 0.81 -19.16 2.62
N GLN A 253 0.60 -17.98 3.20
CA GLN A 253 -0.04 -16.88 2.49
C GLN A 253 0.85 -16.46 1.33
N THR A 254 2.15 -16.48 1.56
CA THR A 254 3.11 -16.09 0.53
C THR A 254 3.12 -17.09 -0.63
N GLN A 255 2.87 -18.36 -0.32
CA GLN A 255 2.85 -19.41 -1.33
C GLN A 255 1.74 -19.15 -2.33
N LYS A 256 0.61 -18.63 -1.82
CA LYS A 256 -0.53 -18.33 -2.68
C LYS A 256 -0.18 -17.31 -3.77
N VAL A 257 0.68 -16.35 -3.46
CA VAL A 257 1.03 -15.38 -4.49
C VAL A 257 2.01 -16.05 -5.46
N ILE A 258 2.78 -17.01 -4.97
CA ILE A 258 3.73 -17.72 -5.83
C ILE A 258 2.95 -18.64 -6.76
N ASP A 259 1.97 -19.36 -6.21
CA ASP A 259 1.14 -20.26 -7.00
C ASP A 259 0.36 -19.50 -8.07
N ALA A 260 -0.06 -18.27 -7.77
CA ALA A 260 -0.80 -17.46 -8.73
C ALA A 260 0.08 -16.98 -9.89
N GLY A 261 1.36 -17.33 -9.86
CA GLY A 261 2.27 -16.92 -10.93
C GLY A 261 2.84 -15.52 -10.81
N ALA A 262 2.93 -15.02 -9.58
CA ALA A 262 3.46 -13.69 -9.36
C ALA A 262 4.93 -13.53 -9.76
N LEU A 263 5.74 -14.54 -9.49
CA LEU A 263 7.16 -14.45 -9.83
C LEU A 263 7.47 -14.16 -11.30
N ALA A 264 6.60 -14.61 -12.20
CA ALA A 264 6.79 -14.42 -13.64
C ALA A 264 6.70 -12.97 -14.07
N VAL A 265 6.16 -12.12 -13.20
CA VAL A 265 6.01 -10.70 -13.52
C VAL A 265 7.17 -9.85 -13.01
N PHE A 266 7.92 -10.36 -12.04
CA PHE A 266 9.03 -9.59 -11.46
C PHE A 266 10.19 -9.21 -12.37
N PRO A 267 10.48 -10.01 -13.40
CA PRO A 267 11.61 -9.60 -14.24
C PRO A 267 11.32 -8.21 -14.84
N SER A 268 10.04 -7.95 -15.08
CA SER A 268 9.59 -6.68 -15.64
C SER A 268 9.50 -5.61 -14.55
N LEU A 269 8.99 -6.00 -13.38
CA LEU A 269 8.87 -5.05 -12.27
C LEU A 269 10.24 -4.58 -11.79
N LEU A 270 11.19 -5.51 -11.71
CA LEU A 270 12.52 -5.16 -11.24
C LEU A 270 13.30 -4.33 -12.25
N THR A 271 12.83 -4.32 -13.50
CA THR A 271 13.50 -3.56 -14.55
C THR A 271 12.64 -2.39 -15.00
N ASN A 272 11.58 -2.12 -14.25
CA ASN A 272 10.68 -1.02 -14.58
C ASN A 272 11.35 0.34 -14.36
N PRO A 273 11.30 1.22 -15.38
CA PRO A 273 11.87 2.57 -15.39
C PRO A 273 11.48 3.41 -14.19
N LYS A 274 10.25 3.22 -13.72
CA LYS A 274 9.72 3.95 -12.56
C LYS A 274 10.45 3.40 -11.33
N THR A 275 11.33 4.20 -10.74
CA THR A 275 12.09 3.72 -9.58
C THR A 275 11.22 3.32 -8.39
N ASN A 276 10.04 3.92 -8.26
CA ASN A 276 9.13 3.59 -7.17
C ASN A 276 8.68 2.14 -7.30
N ILE A 277 8.37 1.74 -8.53
CA ILE A 277 7.94 0.38 -8.81
C ILE A 277 9.07 -0.58 -8.50
N GLN A 278 10.25 -0.21 -8.99
CA GLN A 278 11.45 -1.01 -8.79
C GLN A 278 11.71 -1.20 -7.29
N LYS A 279 11.56 -0.12 -6.53
CA LYS A 279 11.77 -0.12 -5.08
C LYS A 279 10.74 -1.05 -4.39
N GLU A 280 9.47 -0.84 -4.71
CA GLU A 280 8.39 -1.66 -4.14
C GLU A 280 8.51 -3.13 -4.56
N ALA A 281 8.98 -3.37 -5.77
CA ALA A 281 9.12 -4.75 -6.25
C ALA A 281 10.28 -5.44 -5.55
N THR A 282 11.34 -4.69 -5.29
CA THR A 282 12.50 -5.28 -4.61
C THR A 282 12.11 -5.55 -3.15
N TRP A 283 11.36 -4.62 -2.55
CA TRP A 283 10.90 -4.79 -1.17
C TRP A 283 10.05 -6.07 -1.14
N THR A 284 9.15 -6.21 -2.12
CA THR A 284 8.30 -7.39 -2.19
C THR A 284 9.16 -8.66 -2.30
N MET A 285 10.20 -8.62 -3.14
CA MET A 285 11.08 -9.77 -3.32
C MET A 285 11.80 -10.14 -2.02
N SER A 286 12.17 -9.12 -1.23
CA SER A 286 12.86 -9.37 0.03
C SER A 286 11.97 -10.17 0.96
N ASN A 287 10.65 -9.94 0.91
CA ASN A 287 9.74 -10.71 1.75
C ASN A 287 9.51 -12.12 1.25
N ILE A 288 9.75 -12.34 -0.04
CA ILE A 288 9.59 -13.67 -0.60
C ILE A 288 10.90 -14.47 -0.30
N THR A 289 12.06 -13.84 -0.41
CA THR A 289 13.31 -14.55 -0.11
C THR A 289 13.47 -14.77 1.39
N ALA A 290 12.57 -14.17 2.18
CA ALA A 290 12.55 -14.30 3.63
C ALA A 290 11.81 -15.57 4.03
N GLY A 291 11.26 -16.27 3.04
CA GLY A 291 10.49 -17.47 3.32
C GLY A 291 11.24 -18.80 3.32
N ARG A 292 10.53 -19.86 2.98
CA ARG A 292 11.08 -21.21 2.94
C ARG A 292 12.05 -21.46 1.76
N GLN A 293 12.94 -22.43 1.93
CA GLN A 293 13.91 -22.77 0.90
C GLN A 293 13.23 -23.06 -0.44
N ASP A 294 12.12 -23.81 -0.41
CA ASP A 294 11.40 -24.16 -1.62
C ASP A 294 10.85 -22.92 -2.32
N GLN A 295 10.61 -21.87 -1.54
CA GLN A 295 10.12 -20.62 -2.09
C GLN A 295 11.30 -19.87 -2.72
N ILE A 296 12.42 -19.84 -2.01
CA ILE A 296 13.64 -19.21 -2.54
C ILE A 296 13.96 -19.98 -3.83
N GLN A 297 13.73 -21.29 -3.80
CA GLN A 297 14.00 -22.13 -4.99
C GLN A 297 13.19 -21.65 -6.19
N GLN A 298 11.94 -21.26 -5.95
CA GLN A 298 11.10 -20.78 -7.05
C GLN A 298 11.61 -19.43 -7.53
N VAL A 299 12.20 -18.66 -6.63
CA VAL A 299 12.77 -17.37 -7.01
C VAL A 299 13.90 -17.69 -8.00
N VAL A 300 14.69 -18.71 -7.66
CA VAL A 300 15.80 -19.15 -8.49
C VAL A 300 15.29 -19.61 -9.86
N ASN A 301 14.37 -20.57 -9.83
CA ASN A 301 13.77 -21.14 -11.04
C ASN A 301 13.23 -20.12 -12.02
N HIS A 302 12.74 -18.98 -11.53
CA HIS A 302 12.21 -17.96 -12.42
C HIS A 302 13.27 -17.01 -12.93
N GLY A 303 14.54 -17.33 -12.69
CA GLY A 303 15.63 -16.48 -13.14
C GLY A 303 15.64 -15.10 -12.51
N LEU A 304 15.14 -14.99 -11.29
CA LEU A 304 15.08 -13.69 -10.63
C LEU A 304 16.36 -13.25 -9.91
N VAL A 305 17.22 -14.19 -9.52
CA VAL A 305 18.44 -13.80 -8.82
C VAL A 305 19.27 -12.79 -9.63
N PRO A 306 19.45 -13.02 -10.95
CA PRO A 306 20.24 -12.07 -11.73
C PRO A 306 19.66 -10.64 -11.69
N PHE A 307 18.34 -10.54 -11.62
CA PHE A 307 17.68 -9.24 -11.56
C PHE A 307 17.93 -8.53 -10.24
N LEU A 308 17.97 -9.31 -9.15
CA LEU A 308 18.25 -8.75 -7.83
C LEU A 308 19.70 -8.31 -7.79
N VAL A 309 20.59 -9.12 -8.37
CA VAL A 309 22.00 -8.77 -8.42
C VAL A 309 22.06 -7.45 -9.19
N GLY A 310 21.27 -7.37 -10.25
CA GLY A 310 21.26 -6.16 -11.07
C GLY A 310 20.80 -4.90 -10.36
N VAL A 311 19.76 -5.03 -9.55
CA VAL A 311 19.24 -3.90 -8.80
C VAL A 311 20.21 -3.52 -7.69
N LEU A 312 20.83 -4.51 -7.06
CA LEU A 312 21.80 -4.23 -6.01
C LEU A 312 22.96 -3.42 -6.59
N SER A 313 23.36 -3.73 -7.82
CA SER A 313 24.47 -3.08 -8.52
C SER A 313 24.11 -1.70 -9.06
N LYS A 314 23.18 -1.68 -9.99
CA LYS A 314 22.74 -0.43 -10.62
C LYS A 314 21.32 -0.14 -10.18
N ALA A 315 21.13 0.93 -9.44
CA ALA A 315 19.80 1.32 -8.97
C ALA A 315 19.96 2.32 -7.85
N ASP A 316 18.93 3.13 -7.64
CA ASP A 316 18.92 4.13 -6.59
C ASP A 316 19.25 3.45 -5.24
N PHE A 317 19.88 4.22 -4.35
CA PHE A 317 20.28 3.70 -3.05
C PHE A 317 19.12 3.15 -2.22
N LYS A 318 17.97 3.81 -2.29
CA LYS A 318 16.79 3.35 -1.56
C LYS A 318 16.40 1.97 -2.04
N THR A 319 16.51 1.74 -3.35
CA THR A 319 16.17 0.45 -3.92
C THR A 319 17.26 -0.59 -3.62
N GLN A 320 18.51 -0.12 -3.51
CA GLN A 320 19.64 -0.99 -3.19
C GLN A 320 19.55 -1.51 -1.75
N LYS A 321 18.96 -0.71 -0.86
CA LYS A 321 18.79 -1.10 0.53
C LYS A 321 17.82 -2.27 0.59
N GLU A 322 16.74 -2.21 -0.20
CA GLU A 322 15.76 -3.29 -0.25
C GLU A 322 16.39 -4.54 -0.86
N ALA A 323 17.24 -4.35 -1.87
CA ALA A 323 17.90 -5.48 -2.51
C ALA A 323 18.84 -6.16 -1.53
N ALA A 324 19.50 -5.34 -0.71
CA ALA A 324 20.44 -5.87 0.28
C ALA A 324 19.66 -6.75 1.23
N TRP A 325 18.45 -6.33 1.59
CA TRP A 325 17.62 -7.13 2.48
C TRP A 325 17.24 -8.42 1.77
N ALA A 326 16.86 -8.29 0.50
CA ALA A 326 16.46 -9.44 -0.30
C ALA A 326 17.60 -10.48 -0.37
N ILE A 327 18.83 -10.01 -0.56
CA ILE A 327 19.98 -10.90 -0.62
C ILE A 327 20.29 -11.51 0.73
N THR A 328 20.27 -10.70 1.79
CA THR A 328 20.60 -11.23 3.10
C THR A 328 19.56 -12.26 3.58
N ASN A 329 18.29 -12.05 3.22
CA ASN A 329 17.23 -12.99 3.60
C ASN A 329 17.44 -14.32 2.89
N TYR A 330 17.86 -14.22 1.63
CA TYR A 330 18.16 -15.35 0.77
C TYR A 330 19.33 -16.16 1.34
N THR A 331 20.42 -15.48 1.67
CA THR A 331 21.60 -16.17 2.21
C THR A 331 21.30 -16.75 3.58
N SER A 332 20.31 -16.18 4.25
CA SER A 332 19.95 -16.62 5.58
C SER A 332 19.07 -17.87 5.61
N GLY A 333 18.14 -17.98 4.66
CA GLY A 333 17.25 -19.13 4.64
C GLY A 333 17.52 -20.11 3.51
N GLY A 334 18.40 -19.74 2.59
CA GLY A 334 18.71 -20.62 1.49
C GLY A 334 19.68 -21.75 1.78
N THR A 335 19.69 -22.74 0.89
CA THR A 335 20.57 -23.90 0.98
C THR A 335 21.93 -23.51 0.42
N VAL A 336 22.92 -24.38 0.62
CA VAL A 336 24.26 -24.13 0.11
C VAL A 336 24.25 -23.97 -1.41
N GLU A 337 23.59 -24.89 -2.11
CA GLU A 337 23.52 -24.81 -3.57
C GLU A 337 22.88 -23.52 -4.02
N GLN A 338 21.87 -23.06 -3.29
CA GLN A 338 21.21 -21.81 -3.64
C GLN A 338 22.21 -20.66 -3.46
N ILE A 339 22.99 -20.71 -2.39
CA ILE A 339 24.00 -19.69 -2.13
C ILE A 339 25.12 -19.77 -3.20
N VAL A 340 25.53 -20.98 -3.55
CA VAL A 340 26.56 -21.13 -4.56
C VAL A 340 26.08 -20.49 -5.86
N TYR A 341 24.80 -20.65 -6.15
CA TYR A 341 24.22 -20.07 -7.36
C TYR A 341 24.29 -18.55 -7.28
N LEU A 342 23.95 -18.01 -6.11
CA LEU A 342 23.98 -16.56 -5.88
C LEU A 342 25.38 -16.00 -6.19
N VAL A 343 26.41 -16.64 -5.64
CA VAL A 343 27.77 -16.19 -5.87
C VAL A 343 28.09 -16.24 -7.37
N HIS A 344 27.59 -17.26 -8.06
CA HIS A 344 27.83 -17.41 -9.50
C HIS A 344 27.20 -16.29 -10.31
N CYS A 345 26.15 -15.67 -9.76
CA CYS A 345 25.46 -14.59 -10.44
C CYS A 345 26.19 -13.26 -10.25
N GLY A 346 27.35 -13.32 -9.60
CA GLY A 346 28.15 -12.12 -9.38
C GLY A 346 27.68 -11.25 -8.24
N ILE A 347 27.25 -11.86 -7.14
CA ILE A 347 26.75 -11.10 -6.01
C ILE A 347 27.81 -10.43 -5.13
N ILE A 348 29.00 -11.01 -5.08
CA ILE A 348 30.06 -10.49 -4.23
C ILE A 348 30.41 -9.02 -4.40
N GLU A 349 30.79 -8.63 -5.60
CA GLU A 349 31.19 -7.26 -5.89
C GLU A 349 30.15 -6.20 -5.51
N PRO A 350 28.92 -6.30 -6.03
CA PRO A 350 27.92 -5.29 -5.68
C PRO A 350 27.60 -5.26 -4.19
N LEU A 351 27.74 -6.42 -3.55
CA LEU A 351 27.48 -6.53 -2.12
C LEU A 351 28.53 -5.73 -1.34
N MET A 352 29.80 -5.83 -1.72
CA MET A 352 30.90 -5.12 -1.07
C MET A 352 30.76 -3.60 -1.23
N ASN A 353 30.51 -3.18 -2.47
CA ASN A 353 30.38 -1.77 -2.81
C ASN A 353 29.52 -1.00 -1.81
N LEU A 354 28.55 -1.68 -1.19
CA LEU A 354 27.67 -1.01 -0.21
C LEU A 354 28.18 -1.05 1.23
N LEU A 355 29.37 -1.61 1.43
CA LEU A 355 29.93 -1.69 2.77
C LEU A 355 30.57 -0.37 3.24
N SER A 356 30.40 0.69 2.47
CA SER A 356 30.96 1.98 2.85
C SER A 356 29.86 3.02 3.07
N ALA A 357 28.61 2.57 3.09
CA ALA A 357 27.45 3.45 3.29
C ALA A 357 27.26 3.99 4.71
N LYS A 358 26.60 5.14 4.80
CA LYS A 358 26.34 5.78 6.08
C LYS A 358 25.29 5.06 6.92
N ASP A 359 24.38 4.36 6.25
CA ASP A 359 23.31 3.63 6.94
C ASP A 359 23.90 2.40 7.62
N THR A 360 24.10 2.49 8.93
CA THR A 360 24.70 1.40 9.68
C THR A 360 23.93 0.10 9.54
N LYS A 361 22.60 0.20 9.54
CA LYS A 361 21.74 -0.95 9.41
C LYS A 361 22.00 -1.74 8.13
N ILE A 362 22.24 -1.05 7.02
CA ILE A 362 22.50 -1.75 5.77
C ILE A 362 23.84 -2.47 5.84
N ILE A 363 24.79 -1.88 6.54
CA ILE A 363 26.09 -2.51 6.70
C ILE A 363 25.96 -3.83 7.46
N GLN A 364 25.15 -3.83 8.53
CA GLN A 364 24.93 -5.02 9.35
C GLN A 364 24.25 -6.11 8.50
N VAL A 365 23.28 -5.71 7.69
CA VAL A 365 22.58 -6.64 6.82
C VAL A 365 23.57 -7.30 5.85
N ILE A 366 24.38 -6.47 5.19
CA ILE A 366 25.36 -6.99 4.25
C ILE A 366 26.43 -7.84 4.95
N LEU A 367 26.84 -7.45 6.15
CA LEU A 367 27.83 -8.25 6.87
C LEU A 367 27.26 -9.62 7.22
N ASP A 368 25.97 -9.69 7.56
CA ASP A 368 25.36 -10.97 7.88
C ASP A 368 25.23 -11.78 6.59
N ALA A 369 25.06 -11.10 5.47
CA ALA A 369 24.97 -11.82 4.20
C ALA A 369 26.33 -12.46 3.92
N ILE A 370 27.40 -11.68 4.03
CA ILE A 370 28.74 -12.22 3.79
C ILE A 370 29.05 -13.36 4.75
N SER A 371 28.60 -13.22 5.99
CA SER A 371 28.80 -14.25 7.01
C SER A 371 28.13 -15.56 6.59
N ASN A 372 26.87 -15.47 6.18
CA ASN A 372 26.11 -16.65 5.75
C ASN A 372 26.76 -17.31 4.55
N ILE A 373 27.27 -16.50 3.63
CA ILE A 373 27.92 -17.03 2.45
C ILE A 373 29.21 -17.78 2.84
N PHE A 374 29.96 -17.25 3.81
CA PHE A 374 31.18 -17.91 4.24
C PHE A 374 30.85 -19.22 4.92
N GLN A 375 29.71 -19.30 5.61
CA GLN A 375 29.32 -20.54 6.26
C GLN A 375 29.05 -21.62 5.22
N ALA A 376 28.46 -21.23 4.10
CA ALA A 376 28.17 -22.17 3.03
C ALA A 376 29.50 -22.63 2.41
N ALA A 377 30.44 -21.70 2.29
CA ALA A 377 31.74 -22.02 1.74
C ALA A 377 32.51 -22.96 2.66
N GLU A 378 32.25 -22.89 3.95
CA GLU A 378 32.93 -23.76 4.91
C GLU A 378 32.53 -25.21 4.67
N LYS A 379 31.23 -25.43 4.44
CA LYS A 379 30.70 -26.76 4.18
C LYS A 379 31.32 -27.36 2.93
N LEU A 380 31.68 -26.50 1.98
CA LEU A 380 32.28 -26.94 0.72
C LEU A 380 33.81 -26.83 0.73
N GLY A 381 34.37 -26.41 1.86
CA GLY A 381 35.82 -26.24 1.95
C GLY A 381 36.35 -25.25 0.95
N GLU A 382 35.50 -24.33 0.50
CA GLU A 382 35.91 -23.33 -0.49
C GLU A 382 36.13 -21.93 0.14
N THR A 383 36.21 -21.86 1.46
CA THR A 383 36.40 -20.57 2.12
C THR A 383 37.53 -19.75 1.50
N GLU A 384 38.61 -20.42 1.14
CA GLU A 384 39.75 -19.76 0.53
C GLU A 384 39.41 -19.01 -0.76
N LYS A 385 38.75 -19.69 -1.68
CA LYS A 385 38.40 -19.06 -2.95
C LYS A 385 37.44 -17.89 -2.75
N LEU A 386 36.61 -17.97 -1.71
CA LEU A 386 35.68 -16.88 -1.42
C LEU A 386 36.50 -15.67 -0.98
N SER A 387 37.48 -15.91 -0.11
CA SER A 387 38.36 -14.84 0.39
C SER A 387 39.04 -14.10 -0.76
N ILE A 388 39.52 -14.84 -1.74
CA ILE A 388 40.20 -14.24 -2.88
C ILE A 388 39.25 -13.37 -3.69
N MET A 389 38.01 -13.81 -3.85
CA MET A 389 37.02 -13.04 -4.61
C MET A 389 36.78 -11.72 -3.88
N ILE A 390 36.61 -11.82 -2.57
CA ILE A 390 36.35 -10.66 -1.75
C ILE A 390 37.54 -9.71 -1.78
N GLU A 391 38.73 -10.26 -1.58
CA GLU A 391 39.95 -9.46 -1.59
C GLU A 391 40.22 -8.86 -2.97
N GLU A 392 40.14 -9.69 -4.00
CA GLU A 392 40.41 -9.23 -5.36
C GLU A 392 39.52 -8.08 -5.84
N CYS A 393 38.34 -7.91 -5.26
CA CYS A 393 37.45 -6.84 -5.68
C CYS A 393 37.43 -5.65 -4.70
N GLY A 394 38.38 -5.63 -3.75
CA GLY A 394 38.47 -4.54 -2.79
C GLY A 394 37.54 -4.66 -1.60
N GLY A 395 36.85 -5.80 -1.50
CA GLY A 395 35.94 -6.00 -0.39
C GLY A 395 36.65 -6.18 0.93
N LEU A 396 37.83 -6.79 0.91
CA LEU A 396 38.59 -7.01 2.14
C LEU A 396 38.98 -5.66 2.78
N ASP A 397 39.36 -4.71 1.95
CA ASP A 397 39.72 -3.38 2.46
C ASP A 397 38.51 -2.76 3.17
N LYS A 398 37.32 -2.97 2.62
CA LYS A 398 36.12 -2.41 3.22
C LYS A 398 35.74 -3.09 4.53
N ILE A 399 35.95 -4.40 4.60
CA ILE A 399 35.65 -5.15 5.81
C ILE A 399 36.63 -4.71 6.91
N GLU A 400 37.90 -4.59 6.53
CA GLU A 400 38.95 -4.18 7.45
C GLU A 400 38.70 -2.78 8.00
N ALA A 401 38.31 -1.86 7.11
CA ALA A 401 38.02 -0.48 7.49
C ALA A 401 36.84 -0.35 8.46
N LEU A 402 35.86 -1.27 8.37
CA LEU A 402 34.70 -1.23 9.25
C LEU A 402 35.07 -1.53 10.71
N GLN A 403 36.31 -1.91 10.96
CA GLN A 403 36.71 -2.14 12.35
C GLN A 403 36.78 -0.76 13.02
N ARG A 404 36.68 0.30 12.22
CA ARG A 404 36.69 1.66 12.75
C ARG A 404 35.30 2.25 12.70
N HIS A 405 34.32 1.41 12.39
CA HIS A 405 32.95 1.90 12.33
C HIS A 405 32.54 2.31 13.74
N GLU A 406 31.72 3.35 13.85
CA GLU A 406 31.25 3.84 15.15
C GLU A 406 30.42 2.80 15.88
N ASN A 407 29.69 1.99 15.13
CA ASN A 407 28.84 0.97 15.74
C ASN A 407 29.65 -0.26 16.14
N GLU A 408 29.62 -0.57 17.44
CA GLU A 408 30.38 -1.72 17.95
C GLU A 408 30.05 -3.03 17.26
N SER A 409 28.76 -3.31 17.08
CA SER A 409 28.31 -4.53 16.43
C SER A 409 28.91 -4.68 15.03
N VAL A 410 28.97 -3.59 14.27
CA VAL A 410 29.57 -3.64 12.95
C VAL A 410 31.06 -3.98 13.09
N TYR A 411 31.69 -3.38 14.09
CA TYR A 411 33.11 -3.62 14.35
C TYR A 411 33.36 -5.10 14.68
N LYS A 412 32.54 -5.65 15.56
CA LYS A 412 32.64 -7.04 15.98
C LYS A 412 32.46 -8.04 14.84
N ALA A 413 31.53 -7.76 13.93
CA ALA A 413 31.29 -8.65 12.80
C ALA A 413 32.45 -8.58 11.81
N SER A 414 33.01 -7.39 11.65
CA SER A 414 34.15 -7.23 10.75
C SER A 414 35.32 -8.01 11.36
N LEU A 415 35.61 -7.73 12.62
CA LEU A 415 36.71 -8.42 13.31
C LEU A 415 36.59 -9.93 13.13
N ASN A 416 35.42 -10.47 13.50
CA ASN A 416 35.20 -11.90 13.39
C ASN A 416 35.48 -12.46 11.99
N LEU A 417 35.01 -11.78 10.96
CA LEU A 417 35.27 -12.24 9.59
C LEU A 417 36.76 -12.24 9.32
N ILE A 418 37.46 -11.22 9.84
CA ILE A 418 38.89 -11.11 9.67
C ILE A 418 39.64 -12.27 10.31
N GLU A 419 39.31 -12.55 11.57
CA GLU A 419 39.97 -13.62 12.30
C GLU A 419 39.57 -15.04 11.92
N LYS A 420 38.68 -15.18 10.94
CA LYS A 420 38.26 -16.50 10.52
C LYS A 420 38.65 -16.82 9.09
N TYR A 421 38.54 -15.84 8.22
CA TYR A 421 38.82 -16.04 6.80
C TYR A 421 39.97 -15.19 6.24
N PHE A 422 40.65 -14.46 7.11
CA PHE A 422 41.77 -13.61 6.72
C PHE A 422 42.77 -13.61 7.89
N SER A 423 42.82 -14.74 8.57
CA SER A 423 43.69 -14.92 9.74
C SER A 423 45.16 -14.99 9.40
N VAL A 424 45.95 -14.35 10.26
CA VAL A 424 47.39 -14.21 10.20
C VAL A 424 47.63 -12.74 9.88
N MET B 1 11.25 -14.79 11.58
CA MET B 1 10.89 -14.01 10.36
C MET B 1 11.89 -12.88 9.96
N ALA B 2 12.12 -12.70 8.65
CA ALA B 2 13.03 -11.63 8.17
C ALA B 2 12.12 -10.64 7.44
N LYS B 3 10.83 -10.91 7.58
CA LYS B 3 9.77 -10.13 6.98
C LYS B 3 9.63 -8.72 7.53
N ARG B 4 9.30 -7.77 6.64
CA ARG B 4 9.13 -6.37 7.05
C ARG B 4 8.03 -5.63 6.28
N VAL B 5 7.21 -4.87 7.00
CA VAL B 5 6.17 -4.11 6.36
C VAL B 5 6.84 -2.94 5.64
N ALA B 6 6.11 -2.29 4.73
CA ALA B 6 6.64 -1.16 3.97
C ALA B 6 7.13 -0.01 4.84
N GLU B 7 8.10 0.73 4.33
CA GLU B 7 8.67 1.86 5.06
C GLU B 7 7.65 2.97 5.24
N LYS B 8 6.86 3.24 4.21
CA LYS B 8 5.84 4.29 4.27
C LYS B 8 4.49 3.77 3.83
N GLU B 9 3.44 4.28 4.44
CA GLU B 9 2.09 3.86 4.07
C GLU B 9 1.74 4.51 2.73
N LEU B 10 1.62 3.67 1.71
CA LEU B 10 1.30 4.13 0.36
C LEU B 10 -0.21 4.26 0.22
N THR B 11 -0.66 5.33 -0.40
CA THR B 11 -2.10 5.55 -0.58
C THR B 11 -2.40 6.11 -1.97
N ASP B 12 -3.68 6.14 -2.33
CA ASP B 12 -4.07 6.64 -3.64
C ASP B 12 -3.89 8.16 -3.78
N ARG B 13 -3.43 8.80 -2.70
CA ARG B 13 -3.22 10.25 -2.71
C ARG B 13 -1.76 10.65 -2.46
N ASN B 14 -0.86 9.68 -2.42
CA ASN B 14 0.55 9.96 -2.20
C ASN B 14 1.46 9.05 -3.02
N TRP B 15 0.87 8.17 -3.82
CA TRP B 15 1.66 7.24 -4.61
C TRP B 15 2.59 7.91 -5.61
N ASP B 16 2.14 8.98 -6.25
CA ASP B 16 2.95 9.69 -7.23
C ASP B 16 3.83 10.75 -6.57
N GLU B 17 5.05 10.36 -6.18
CA GLU B 17 5.96 11.29 -5.54
C GLU B 17 7.44 11.02 -5.79
N GLU B 18 8.24 12.08 -5.68
CA GLU B 18 9.70 12.00 -5.84
C GLU B 18 10.24 11.59 -4.47
N ASP B 19 11.09 10.57 -4.43
CA ASP B 19 11.62 10.08 -3.15
C ASP B 19 12.95 10.62 -2.64
N GLU B 20 13.18 11.90 -2.87
CA GLU B 20 14.41 12.56 -2.41
C GLU B 20 15.72 12.03 -3.02
N VAL B 21 15.67 10.80 -3.52
CA VAL B 21 16.83 10.15 -4.12
C VAL B 21 18.01 10.23 -3.14
N GLU B 22 17.99 9.35 -2.14
CA GLU B 22 19.02 9.33 -1.11
C GLU B 22 20.39 8.92 -1.63
N GLU B 23 21.43 9.42 -0.98
CA GLU B 23 22.80 9.12 -1.35
C GLU B 23 23.38 8.08 -0.38
N MET B 24 24.22 7.18 -0.89
CA MET B 24 24.84 6.14 -0.08
C MET B 24 25.64 6.76 1.06
N GLY B 25 26.48 7.75 0.72
CA GLY B 25 27.28 8.42 1.72
C GLY B 25 28.44 7.58 2.23
N THR B 26 28.96 7.93 3.41
CA THR B 26 30.06 7.20 4.02
C THR B 26 29.68 6.91 5.46
N PHE B 27 30.17 5.78 5.98
CA PHE B 27 29.86 5.40 7.35
C PHE B 27 30.60 6.26 8.37
N SER B 28 30.01 6.36 9.56
CA SER B 28 30.61 7.13 10.63
C SER B 28 31.72 6.32 11.28
N VAL B 29 32.85 6.99 11.50
CA VAL B 29 34.02 6.38 12.10
C VAL B 29 33.96 6.50 13.64
N ALA B 30 34.43 5.48 14.33
CA ALA B 30 34.43 5.49 15.79
C ALA B 30 35.32 6.61 16.30
N SER B 31 34.97 7.21 17.44
CA SER B 31 35.78 8.28 18.01
C SER B 31 37.14 7.77 18.50
N GLU B 32 38.00 8.71 18.87
CA GLU B 32 39.31 8.37 19.39
C GLU B 32 39.16 7.63 20.73
N GLU B 33 38.22 8.08 21.55
CA GLU B 33 37.99 7.45 22.84
C GLU B 33 37.66 5.96 22.67
N VAL B 34 36.89 5.67 21.64
CA VAL B 34 36.50 4.28 21.36
C VAL B 34 37.68 3.46 20.83
N MET B 35 38.39 4.03 19.87
CA MET B 35 39.51 3.34 19.25
C MET B 35 40.66 2.97 20.18
N LYS B 36 40.95 3.82 21.17
CA LYS B 36 42.05 3.53 22.08
C LYS B 36 41.90 2.18 22.78
N ASN B 37 40.66 1.71 22.92
CA ASN B 37 40.41 0.43 23.57
C ASN B 37 39.96 -0.70 22.66
N ARG B 38 39.74 -0.41 21.39
CA ARG B 38 39.33 -1.46 20.44
C ARG B 38 40.50 -2.25 19.91
N ALA B 39 40.37 -3.58 19.93
CA ALA B 39 41.41 -4.44 19.38
C ALA B 39 41.09 -4.53 17.90
N VAL B 40 42.05 -4.15 17.06
CA VAL B 40 41.85 -4.20 15.62
C VAL B 40 42.95 -4.99 14.91
N LYS B 41 42.56 -6.06 14.24
CA LYS B 41 43.51 -6.92 13.53
C LYS B 41 43.66 -6.56 12.06
N LYS B 42 44.87 -6.72 11.53
CA LYS B 42 45.12 -6.44 10.11
C LYS B 42 44.72 -7.71 9.35
N ALA B 43 44.19 -7.53 8.14
CA ALA B 43 43.77 -8.66 7.33
C ALA B 43 44.93 -9.18 6.50
N LYS B 44 45.04 -10.50 6.40
CA LYS B 44 46.10 -11.11 5.60
C LYS B 44 45.74 -10.99 4.12
N ARG B 45 46.76 -10.89 3.27
CA ARG B 45 46.54 -10.76 1.83
C ARG B 45 47.06 -11.98 1.08
N ARG B 46 46.59 -12.15 -0.15
CA ARG B 46 47.01 -13.26 -0.98
C ARG B 46 47.54 -12.72 -2.31
#